data_4R6P
#
_entry.id   4R6P
#
_cell.length_a   58.530
_cell.length_b   80.880
_cell.length_c   63.040
_cell.angle_alpha   90.00
_cell.angle_beta   107.88
_cell.angle_gamma   90.00
#
_symmetry.space_group_name_H-M   'P 1 21 1'
#
loop_
_entity.id
_entity.type
_entity.pdbx_description
1 polymer 'Agglutinin alpha chain'
2 polymer 'Agglutinin beta-3 chain'
3 non-polymer 'ISOPROPYL ALCOHOL'
4 non-polymer 1,2-ETHANEDIOL
5 non-polymer 4-METHYL-2H-CHROMEN-2-ONE
6 non-polymer beta-D-galactopyranose
7 water water
#
loop_
_entity_poly.entity_id
_entity_poly.type
_entity_poly.pdbx_seq_one_letter_code
_entity_poly.pdbx_strand_id
1 'polypeptide(L)'
;GKAFDDGAFTGIREINLSYNKETAIGDFQVVYDLNGSPYVGQNHKSFITGFTPVKISLDFPSEYIMEVSGYTGNVSGYVV
VRSLTFKTNKKTYGPYGVTSGTPFNLPIENGLIVGFKGSIGYWLDYFSMYLSL
;
A,C,E,G
2 'polypeptide(L)' EQSGISQTVIVGPWGAKVS B,D,F,H
#
# COMPACT_ATOMS: atom_id res chain seq x y z
N GLY A 1 17.26 -14.56 -22.81
CA GLY A 1 15.99 -14.67 -23.58
C GLY A 1 15.29 -13.33 -23.74
N LYS A 2 14.01 -13.36 -24.12
CA LYS A 2 13.21 -12.15 -24.28
C LYS A 2 12.54 -11.71 -22.97
N ALA A 3 12.88 -10.51 -22.51
CA ALA A 3 12.28 -9.96 -21.30
C ALA A 3 10.78 -9.67 -21.49
N PHE A 4 10.03 -9.81 -20.41
CA PHE A 4 8.62 -9.43 -20.42
C PHE A 4 8.29 -8.84 -19.07
N ASP A 5 7.27 -7.99 -19.04
CA ASP A 5 6.87 -7.33 -17.79
C ASP A 5 5.42 -6.93 -17.96
N ASP A 6 4.50 -7.71 -17.38
CA ASP A 6 3.07 -7.45 -17.57
C ASP A 6 2.61 -6.19 -16.83
N GLY A 7 3.34 -5.83 -15.78
CA GLY A 7 2.90 -4.85 -14.76
C GLY A 7 1.97 -5.41 -13.72
N ALA A 8 1.31 -4.52 -13.01
CA ALA A 8 0.44 -4.86 -11.89
C ALA A 8 -1.03 -4.67 -12.25
N PHE A 9 -1.88 -5.53 -11.69
CA PHE A 9 -3.32 -5.56 -11.97
C PHE A 9 -4.11 -5.68 -10.67
N THR A 10 -5.39 -6.07 -10.74
CA THR A 10 -6.27 -6.20 -9.57
C THR A 10 -6.24 -7.60 -8.99
N GLY A 11 -5.76 -8.58 -9.76
CA GLY A 11 -5.85 -9.98 -9.33
C GLY A 11 -5.56 -10.90 -10.51
N ILE A 12 -5.74 -12.19 -10.28
CA ILE A 12 -5.43 -13.19 -11.32
C ILE A 12 -6.65 -14.07 -11.59
N ARG A 13 -7.02 -14.21 -12.86
CA ARG A 13 -8.13 -15.06 -13.25
C ARG A 13 -7.70 -16.44 -13.81
N GLU A 14 -6.62 -16.47 -14.57
CA GLU A 14 -6.20 -17.71 -15.24
C GLU A 14 -4.74 -17.64 -15.54
N ILE A 15 -4.04 -18.75 -15.38
CA ILE A 15 -2.65 -18.80 -15.87
C ILE A 15 -2.55 -19.89 -16.94
N ASN A 16 -1.97 -19.56 -18.08
CA ASN A 16 -1.78 -20.52 -19.17
C ASN A 16 -0.30 -20.66 -19.38
N LEU A 17 0.22 -21.84 -19.09
CA LEU A 17 1.65 -22.07 -19.24
C LEU A 17 1.89 -23.37 -19.97
N SER A 18 3.12 -23.51 -20.49
CA SER A 18 3.50 -24.81 -21.09
C SER A 18 4.77 -25.36 -20.42
N TYR A 19 4.97 -26.69 -20.47
CA TYR A 19 6.09 -27.30 -19.78
C TYR A 19 6.51 -28.55 -20.52
N ASN A 20 7.71 -29.04 -20.21
CA ASN A 20 8.15 -30.32 -20.76
C ASN A 20 8.64 -31.13 -19.53
N LYS A 21 8.17 -32.37 -19.42
CA LYS A 21 8.48 -33.26 -18.31
C LYS A 21 9.94 -33.74 -18.29
N GLU A 22 10.71 -33.37 -19.31
CA GLU A 22 12.14 -33.67 -19.30
C GLU A 22 13.02 -32.44 -19.24
N THR A 23 12.41 -31.24 -19.32
CA THR A 23 13.25 -30.02 -19.38
C THR A 23 12.83 -28.97 -18.37
N ALA A 24 11.93 -28.07 -18.79
CA ALA A 24 11.58 -26.95 -17.93
C ALA A 24 10.26 -26.28 -18.37
N ILE A 25 9.95 -25.13 -17.76
CA ILE A 25 8.80 -24.33 -18.21
C ILE A 25 9.10 -23.60 -19.51
N GLY A 26 8.11 -23.57 -20.39
CA GLY A 26 8.23 -22.87 -21.69
C GLY A 26 7.42 -21.59 -21.71
N ASP A 27 6.22 -21.66 -22.29
CA ASP A 27 5.38 -20.48 -22.50
C ASP A 27 4.74 -20.05 -21.16
N PHE A 28 4.43 -18.76 -21.07
CA PHE A 28 3.77 -18.26 -19.86
C PHE A 28 2.83 -17.12 -20.22
N GLN A 29 1.57 -17.20 -19.82
CA GLN A 29 0.62 -16.14 -20.15
C GLN A 29 -0.37 -16.07 -19.01
N VAL A 30 -0.85 -14.87 -18.72
CA VAL A 30 -1.78 -14.70 -17.60
C VAL A 30 -3.00 -13.87 -18.01
N VAL A 31 -4.20 -14.33 -17.62
CA VAL A 31 -5.37 -13.47 -17.69
C VAL A 31 -5.54 -12.84 -16.30
N TYR A 32 -5.27 -11.55 -16.23
CA TYR A 32 -5.44 -10.83 -14.96
C TYR A 32 -6.88 -10.40 -14.77
N ASP A 33 -7.18 -9.95 -13.55
CA ASP A 33 -8.33 -9.09 -13.40
C ASP A 33 -7.87 -7.65 -13.42
N LEU A 34 -8.65 -6.78 -14.06
CA LEU A 34 -8.38 -5.36 -14.02
C LEU A 34 -9.69 -4.69 -13.66
N ASN A 35 -9.82 -4.32 -12.41
CA ASN A 35 -11.06 -3.68 -11.92
C ASN A 35 -12.33 -4.39 -12.34
N GLY A 36 -12.29 -5.73 -12.27
CA GLY A 36 -13.47 -6.54 -12.56
C GLY A 36 -13.61 -7.07 -13.97
N SER A 37 -12.76 -6.61 -14.90
CA SER A 37 -12.75 -7.11 -16.28
C SER A 37 -11.53 -7.98 -16.49
N PRO A 38 -11.66 -9.06 -17.28
CA PRO A 38 -10.46 -9.83 -17.58
C PRO A 38 -9.53 -9.03 -18.45
N TYR A 39 -8.25 -9.06 -18.11
CA TYR A 39 -7.24 -8.43 -18.91
C TYR A 39 -6.36 -9.53 -19.49
N VAL A 40 -6.45 -9.70 -20.79
CA VAL A 40 -5.67 -10.76 -21.43
C VAL A 40 -4.21 -10.38 -21.62
N GLY A 41 -3.34 -10.94 -20.78
CA GLY A 41 -1.93 -10.65 -20.88
C GLY A 41 -1.37 -11.21 -22.17
N GLN A 42 -0.26 -10.61 -22.65
CA GLN A 42 0.46 -11.12 -23.83
C GLN A 42 0.96 -12.54 -23.56
N ASN A 43 0.89 -13.39 -24.59
CA ASN A 43 1.44 -14.74 -24.45
C ASN A 43 2.95 -14.65 -24.61
N HIS A 44 3.68 -14.96 -23.55
CA HIS A 44 5.13 -14.94 -23.61
C HIS A 44 5.61 -16.30 -23.99
N LYS A 45 6.12 -16.38 -25.21
CA LYS A 45 6.36 -17.68 -25.89
C LYS A 45 7.82 -18.10 -25.86
N SER A 46 8.04 -19.39 -25.59
CA SER A 46 9.38 -19.96 -25.77
C SER A 46 9.80 -19.83 -27.25
N PHE A 47 11.11 -19.79 -27.47
CA PHE A 47 11.71 -19.81 -28.84
C PHE A 47 11.54 -21.20 -29.49
N ILE A 48 11.16 -22.20 -28.70
CA ILE A 48 11.07 -23.60 -29.17
C ILE A 48 9.67 -24.20 -28.93
N THR A 49 9.35 -25.26 -29.66
CA THR A 49 8.08 -25.97 -29.53
C THR A 49 8.29 -27.27 -28.79
N GLY A 50 7.24 -28.08 -28.64
CA GLY A 50 7.37 -29.37 -27.96
C GLY A 50 6.85 -29.39 -26.52
N PHE A 51 6.26 -28.27 -26.06
CA PHE A 51 5.73 -28.20 -24.68
C PHE A 51 4.27 -28.71 -24.56
N THR A 52 3.89 -29.11 -23.35
CA THR A 52 2.51 -29.47 -23.04
C THR A 52 1.84 -28.25 -22.42
N PRO A 53 0.69 -27.79 -22.98
CA PRO A 53 -0.02 -26.64 -22.37
C PRO A 53 -0.88 -27.03 -21.18
N VAL A 54 -0.99 -26.14 -20.21
CA VAL A 54 -1.95 -26.34 -19.13
C VAL A 54 -2.66 -25.01 -18.84
N LYS A 55 -3.95 -25.12 -18.53
CA LYS A 55 -4.76 -23.94 -18.27
C LYS A 55 -5.18 -24.03 -16.81
N ILE A 56 -4.78 -23.03 -16.02
CA ILE A 56 -5.12 -23.02 -14.62
C ILE A 56 -6.19 -21.94 -14.50
N SER A 57 -7.45 -22.36 -14.48
CA SER A 57 -8.57 -21.41 -14.44
C SER A 57 -9.03 -21.23 -13.00
N LEU A 58 -8.81 -20.05 -12.42
CA LEU A 58 -9.15 -19.85 -11.02
C LEU A 58 -10.57 -19.33 -10.87
N ASP A 59 -11.23 -19.76 -9.79
CA ASP A 59 -12.56 -19.27 -9.44
C ASP A 59 -12.46 -17.91 -8.77
N PHE A 60 -12.03 -16.92 -9.56
CA PHE A 60 -11.84 -15.56 -9.10
C PHE A 60 -13.23 -14.94 -8.85
N PRO A 61 -13.38 -14.18 -7.76
CA PRO A 61 -12.35 -13.78 -6.78
C PRO A 61 -12.24 -14.63 -5.53
N SER A 62 -13.05 -15.67 -5.38
CA SER A 62 -13.00 -16.44 -4.13
C SER A 62 -11.72 -17.29 -4.02
N GLU A 63 -11.14 -17.68 -5.17
CA GLU A 63 -9.90 -18.48 -5.24
C GLU A 63 -8.71 -17.63 -5.65
N TYR A 64 -7.62 -17.69 -4.87
CA TYR A 64 -6.44 -16.90 -5.16
C TYR A 64 -5.23 -17.68 -4.71
N ILE A 65 -4.10 -17.37 -5.35
CA ILE A 65 -2.84 -18.05 -5.06
C ILE A 65 -2.30 -17.64 -3.69
N MET A 66 -1.92 -18.65 -2.92
CA MET A 66 -1.30 -18.46 -1.60
C MET A 66 0.18 -18.84 -1.59
N GLU A 67 0.63 -19.67 -2.52
CA GLU A 67 2.08 -19.97 -2.61
C GLU A 67 2.44 -20.32 -3.99
N VAL A 68 3.57 -19.77 -4.45
CA VAL A 68 4.20 -20.17 -5.71
C VAL A 68 5.49 -20.82 -5.32
N SER A 69 5.76 -21.99 -5.88
CA SER A 69 7.05 -22.62 -5.57
C SER A 69 7.54 -23.32 -6.82
N GLY A 70 8.80 -23.75 -6.81
CA GLY A 70 9.36 -24.43 -7.97
C GLY A 70 10.81 -24.81 -7.77
N TYR A 71 11.44 -25.18 -8.87
CA TYR A 71 12.86 -25.45 -8.89
C TYR A 71 13.52 -24.67 -9.99
N THR A 72 14.76 -24.26 -9.74
CA THR A 72 15.56 -23.65 -10.79
C THR A 72 16.74 -24.59 -11.00
N GLY A 73 17.25 -24.65 -12.22
CA GLY A 73 18.32 -25.58 -12.50
C GLY A 73 18.86 -25.52 -13.91
N ASN A 74 19.90 -26.30 -14.14
CA ASN A 74 20.54 -26.41 -15.43
C ASN A 74 19.71 -27.11 -16.48
N VAL A 75 19.55 -26.46 -17.63
CA VAL A 75 19.04 -27.11 -18.84
C VAL A 75 19.91 -26.63 -19.99
N SER A 76 20.62 -27.56 -20.65
CA SER A 76 21.49 -27.18 -21.80
C SER A 76 22.51 -26.10 -21.44
N GLY A 77 22.92 -26.06 -20.16
CA GLY A 77 23.96 -25.11 -19.72
C GLY A 77 23.41 -23.78 -19.22
N TYR A 78 22.08 -23.64 -19.25
CA TYR A 78 21.40 -22.42 -18.77
C TYR A 78 20.69 -22.72 -17.45
N VAL A 79 20.67 -21.71 -16.58
CA VAL A 79 19.90 -21.78 -15.34
C VAL A 79 18.51 -21.26 -15.68
N VAL A 80 17.51 -22.12 -15.52
CA VAL A 80 16.15 -21.74 -15.88
C VAL A 80 15.22 -22.16 -14.75
N VAL A 81 13.96 -21.80 -14.89
CA VAL A 81 12.92 -22.28 -14.02
C VAL A 81 12.43 -23.64 -14.54
N ARG A 82 12.75 -24.70 -13.81
CA ARG A 82 12.49 -26.06 -14.24
C ARG A 82 11.09 -26.54 -13.91
N SER A 83 10.51 -25.99 -12.85
CA SER A 83 9.25 -26.44 -12.38
C SER A 83 8.52 -25.28 -11.70
N LEU A 84 7.19 -25.30 -11.78
CA LEU A 84 6.33 -24.40 -11.00
C LEU A 84 5.16 -25.17 -10.39
N THR A 85 4.80 -24.75 -9.19
CA THR A 85 3.59 -25.23 -8.54
C THR A 85 2.87 -24.02 -8.00
N PHE A 86 1.54 -24.00 -8.16
CA PHE A 86 0.72 -22.90 -7.69
C PHE A 86 -0.27 -23.46 -6.69
N LYS A 87 -0.19 -23.00 -5.46
CA LYS A 87 -1.12 -23.42 -4.46
C LYS A 87 -2.11 -22.30 -4.16
N THR A 88 -3.40 -22.60 -4.27
CA THR A 88 -4.42 -21.63 -3.92
C THR A 88 -5.08 -22.01 -2.61
N ASN A 89 -6.01 -21.18 -2.17
CA ASN A 89 -6.80 -21.46 -0.98
C ASN A 89 -7.73 -22.63 -1.22
N LYS A 90 -7.87 -23.04 -2.49
CA LYS A 90 -8.77 -24.14 -2.83
C LYS A 90 -8.11 -25.44 -3.31
N LYS A 91 -6.92 -25.35 -3.91
CA LYS A 91 -6.21 -26.56 -4.35
C LYS A 91 -4.81 -26.27 -4.85
N THR A 92 -4.10 -27.33 -5.24
CA THR A 92 -2.72 -27.22 -5.70
C THR A 92 -2.68 -27.56 -7.19
N TYR A 93 -2.03 -26.72 -7.99
CA TYR A 93 -1.85 -26.96 -9.41
C TYR A 93 -0.38 -27.18 -9.67
N GLY A 94 -0.06 -28.37 -10.20
CA GLY A 94 1.33 -28.74 -10.44
C GLY A 94 1.80 -29.75 -9.40
N PRO A 95 3.10 -30.02 -9.36
CA PRO A 95 4.20 -29.42 -10.12
C PRO A 95 4.08 -29.62 -11.62
N TYR A 96 4.47 -28.58 -12.36
CA TYR A 96 4.62 -28.67 -13.82
C TYR A 96 6.08 -28.54 -14.14
N GLY A 97 6.58 -29.42 -14.99
CA GLY A 97 7.98 -29.36 -15.40
C GLY A 97 8.75 -30.45 -14.72
N VAL A 98 9.98 -30.14 -14.33
CA VAL A 98 10.87 -31.14 -13.73
C VAL A 98 11.25 -30.69 -12.31
N THR A 99 10.95 -31.50 -11.32
CA THR A 99 11.23 -31.12 -9.94
C THR A 99 12.67 -31.44 -9.52
N SER A 100 13.62 -30.70 -10.09
CA SER A 100 15.04 -30.93 -9.87
C SER A 100 15.81 -29.65 -9.86
N GLY A 101 16.82 -29.62 -9.00
CA GLY A 101 17.69 -28.46 -8.87
C GLY A 101 17.50 -27.81 -7.50
N THR A 102 17.52 -26.48 -7.51
CA THR A 102 17.43 -25.68 -6.29
C THR A 102 16.01 -25.25 -6.07
N PRO A 103 15.40 -25.66 -4.95
CA PRO A 103 14.01 -25.24 -4.69
C PRO A 103 13.88 -23.77 -4.34
N PHE A 104 12.73 -23.18 -4.64
CA PHE A 104 12.42 -21.84 -4.15
C PHE A 104 10.94 -21.82 -3.83
N ASN A 105 10.51 -20.87 -3.03
CA ASN A 105 9.10 -20.75 -2.73
C ASN A 105 8.80 -19.38 -2.19
N LEU A 106 7.61 -18.92 -2.56
CA LEU A 106 7.05 -17.66 -2.08
C LEU A 106 5.66 -17.96 -1.53
N PRO A 107 5.56 -18.27 -0.23
CA PRO A 107 4.28 -18.30 0.45
C PRO A 107 3.84 -16.90 0.83
N ILE A 108 2.53 -16.70 0.72
CA ILE A 108 1.94 -15.41 1.12
C ILE A 108 1.03 -15.59 2.31
N GLU A 109 1.36 -14.92 3.40
CA GLU A 109 0.47 -14.89 4.54
C GLU A 109 -0.65 -13.85 4.35
N ASN A 110 -0.31 -12.70 3.80
CA ASN A 110 -1.27 -11.64 3.57
C ASN A 110 -0.90 -10.89 2.33
N GLY A 111 -1.85 -10.74 1.41
CA GLY A 111 -1.53 -10.03 0.17
C GLY A 111 -1.83 -10.92 -1.00
N LEU A 112 -1.67 -10.35 -2.20
CA LEU A 112 -1.98 -11.02 -3.46
C LEU A 112 -0.92 -10.80 -4.51
N ILE A 113 -0.73 -11.82 -5.34
CA ILE A 113 0.08 -11.67 -6.53
C ILE A 113 -0.79 -10.94 -7.55
N VAL A 114 -0.27 -9.85 -8.08
CA VAL A 114 -1.02 -9.02 -9.03
C VAL A 114 -0.32 -8.82 -10.37
N GLY A 115 0.80 -9.50 -10.59
CA GLY A 115 1.56 -9.27 -11.81
C GLY A 115 2.80 -10.13 -11.87
N PHE A 116 3.30 -10.37 -13.08
CA PHE A 116 4.51 -11.17 -13.30
C PHE A 116 5.40 -10.40 -14.26
N LYS A 117 6.71 -10.61 -14.14
CA LYS A 117 7.68 -10.14 -15.12
C LYS A 117 8.78 -11.18 -15.12
N GLY A 118 9.63 -11.17 -16.14
CA GLY A 118 10.65 -12.18 -16.23
C GLY A 118 11.28 -12.19 -17.61
N SER A 119 11.76 -13.35 -18.00
CA SER A 119 12.40 -13.50 -19.31
C SER A 119 12.25 -14.94 -19.75
N ILE A 120 11.96 -15.14 -21.03
CA ILE A 120 11.83 -16.48 -21.58
C ILE A 120 12.70 -16.56 -22.85
N GLY A 121 13.55 -17.59 -22.91
CA GLY A 121 14.35 -17.90 -24.11
C GLY A 121 13.79 -19.19 -24.67
N TYR A 122 14.60 -20.25 -24.67
CA TYR A 122 14.07 -21.58 -24.91
C TYR A 122 13.13 -21.93 -23.77
N TRP A 123 13.52 -21.53 -22.56
CA TRP A 123 12.71 -21.79 -21.37
C TRP A 123 12.56 -20.53 -20.55
N LEU A 124 11.65 -20.59 -19.57
CA LEU A 124 11.54 -19.48 -18.61
C LEU A 124 12.87 -19.34 -17.87
N ASP A 125 13.54 -18.21 -18.07
CA ASP A 125 14.88 -17.99 -17.49
C ASP A 125 14.80 -17.56 -16.04
N TYR A 126 13.92 -16.59 -15.77
CA TYR A 126 13.68 -16.09 -14.40
C TYR A 126 12.35 -15.36 -14.38
N PHE A 127 11.79 -15.14 -13.19
CA PHE A 127 10.59 -14.30 -13.07
C PHE A 127 10.53 -13.65 -11.70
N SER A 128 9.74 -12.59 -11.63
CA SER A 128 9.46 -11.84 -10.38
C SER A 128 7.95 -11.63 -10.34
N MET A 129 7.42 -11.33 -9.15
CA MET A 129 6.01 -11.13 -8.95
C MET A 129 5.76 -9.78 -8.27
N TYR A 130 4.77 -9.08 -8.78
CA TYR A 130 4.21 -7.93 -8.11
C TYR A 130 3.25 -8.38 -7.04
N LEU A 131 3.39 -7.80 -5.83
CA LEU A 131 2.49 -8.09 -4.71
C LEU A 131 1.73 -6.87 -4.26
N SER A 132 0.48 -7.07 -3.87
CA SER A 132 -0.33 -5.96 -3.36
C SER A 132 -1.29 -6.44 -2.31
N LEU A 133 -1.85 -5.51 -1.52
CA LEU A 133 -2.94 -5.85 -0.59
C LEU A 133 -4.31 -6.07 -1.26
N GLN B 2 7.89 12.73 -5.74
CA GLN B 2 7.40 11.52 -6.47
C GLN B 2 7.30 11.75 -7.99
N SER B 3 7.03 10.69 -8.73
CA SER B 3 6.61 10.80 -10.13
C SER B 3 5.13 10.47 -10.16
N GLY B 4 4.52 10.62 -11.33
CA GLY B 4 3.13 10.30 -11.49
C GLY B 4 2.81 8.83 -11.70
N ILE B 5 3.81 7.96 -11.52
CA ILE B 5 3.62 6.51 -11.74
C ILE B 5 3.47 5.79 -10.38
N SER B 6 2.36 5.08 -10.21
CA SER B 6 2.09 4.29 -9.01
C SER B 6 3.10 3.13 -8.90
N GLN B 7 3.43 2.78 -7.66
CA GLN B 7 4.45 1.77 -7.32
C GLN B 7 3.83 0.56 -6.62
N THR B 8 4.49 -0.60 -6.76
CA THR B 8 4.01 -1.84 -6.17
C THR B 8 5.23 -2.60 -5.62
N VAL B 9 5.04 -3.34 -4.53
CA VAL B 9 6.05 -4.27 -4.04
C VAL B 9 6.36 -5.29 -5.14
N ILE B 10 7.64 -5.60 -5.35
CA ILE B 10 7.98 -6.67 -6.30
C ILE B 10 9.00 -7.59 -5.60
N VAL B 11 8.70 -8.89 -5.61
CA VAL B 11 9.61 -9.91 -5.07
C VAL B 11 10.19 -10.73 -6.20
N GLY B 12 11.44 -11.17 -6.05
CA GLY B 12 12.14 -11.86 -7.14
C GLY B 12 13.44 -11.15 -7.49
N PRO B 13 14.13 -11.60 -8.57
CA PRO B 13 13.78 -12.73 -9.44
C PRO B 13 14.20 -14.08 -8.85
N TRP B 14 13.52 -15.14 -9.29
CA TRP B 14 14.03 -16.50 -9.11
C TRP B 14 14.36 -17.01 -10.47
N GLY B 15 15.49 -17.72 -10.56
CA GLY B 15 15.93 -18.29 -11.84
C GLY B 15 17.37 -17.93 -12.11
N ALA B 16 17.68 -17.70 -13.38
CA ALA B 16 18.97 -17.19 -13.77
C ALA B 16 19.23 -15.84 -13.10
N LYS B 17 20.48 -15.58 -12.73
CA LYS B 17 20.86 -14.33 -12.10
C LYS B 17 20.98 -13.24 -13.15
N GLY C 1 7.66 -24.30 20.03
CA GLY C 1 8.28 -22.95 20.08
C GLY C 1 7.33 -21.90 20.61
N LYS C 2 7.89 -20.76 20.99
CA LYS C 2 7.08 -19.62 21.35
C LYS C 2 6.92 -18.75 20.10
N ALA C 3 5.66 -18.50 19.70
CA ALA C 3 5.38 -17.64 18.58
C ALA C 3 5.73 -16.18 18.91
N PHE C 4 6.20 -15.44 17.89
CA PHE C 4 6.38 -14.02 18.05
C PHE C 4 5.87 -13.27 16.84
N ASP C 5 5.57 -11.98 17.01
CA ASP C 5 5.09 -11.14 15.90
C ASP C 5 5.36 -9.70 16.25
N ASP C 6 6.39 -9.12 15.66
CA ASP C 6 6.76 -7.75 15.98
C ASP C 6 5.77 -6.73 15.41
N GLY C 7 5.09 -7.15 14.34
CA GLY C 7 4.34 -6.26 13.46
C GLY C 7 5.18 -5.45 12.51
N ALA C 8 4.57 -4.38 12.00
CA ALA C 8 5.23 -3.59 10.96
C ALA C 8 5.67 -2.23 11.46
N PHE C 9 6.81 -1.82 10.96
CA PHE C 9 7.43 -0.55 11.32
C PHE C 9 7.79 0.26 10.06
N THR C 10 8.67 1.25 10.21
CA THR C 10 9.07 2.13 9.12
C THR C 10 10.28 1.59 8.37
N GLY C 11 11.07 0.73 9.00
CA GLY C 11 12.28 0.19 8.36
C GLY C 11 13.10 -0.49 9.43
N ILE C 12 14.35 -0.82 9.11
CA ILE C 12 15.18 -1.66 9.97
C ILE C 12 16.51 -0.95 10.23
N ARG C 13 16.88 -0.83 11.49
CA ARG C 13 18.15 -0.19 11.82
C ARG C 13 19.25 -1.20 12.16
N GLU C 14 18.89 -2.24 12.89
CA GLU C 14 19.87 -3.21 13.39
C GLU C 14 19.21 -4.57 13.54
N ILE C 15 19.96 -5.63 13.24
CA ILE C 15 19.50 -7.00 13.53
C ILE C 15 20.49 -7.66 14.46
N ASN C 16 19.99 -8.18 15.58
CA ASN C 16 20.81 -8.92 16.51
C ASN C 16 20.38 -10.37 16.47
N LEU C 17 21.30 -11.26 16.12
CA LEU C 17 20.89 -12.65 16.12
C LEU C 17 21.98 -13.44 16.83
N SER C 18 21.70 -14.70 17.09
CA SER C 18 22.73 -15.57 17.63
C SER C 18 22.64 -16.91 16.91
N TYR C 19 23.75 -17.64 16.87
CA TYR C 19 23.79 -18.88 16.13
C TYR C 19 24.85 -19.77 16.77
N ASN C 20 24.82 -21.04 16.39
CA ASN C 20 25.90 -21.96 16.72
C ASN C 20 26.21 -22.76 15.47
N LYS C 21 27.49 -22.76 15.08
CA LYS C 21 27.92 -23.44 13.84
C LYS C 21 27.80 -24.96 13.88
N GLU C 22 27.28 -25.52 14.98
CA GLU C 22 26.98 -26.94 15.06
C GLU C 22 25.50 -27.20 15.01
N THR C 23 24.70 -26.17 15.31
CA THR C 23 23.26 -26.37 15.36
C THR C 23 22.51 -25.42 14.40
N ALA C 24 22.04 -24.28 14.90
CA ALA C 24 21.13 -23.43 14.11
C ALA C 24 21.05 -22.01 14.69
N ILE C 25 20.20 -21.19 14.11
CA ILE C 25 19.96 -19.86 14.61
C ILE C 25 19.22 -19.94 15.95
N GLY C 26 19.64 -19.14 16.91
CA GLY C 26 19.12 -19.19 18.26
C GLY C 26 18.16 -18.06 18.57
N ASP C 27 18.69 -16.86 18.72
CA ASP C 27 17.90 -15.72 19.20
C ASP C 27 17.75 -14.73 18.08
N PHE C 28 16.77 -13.82 18.20
CA PHE C 28 16.53 -12.86 17.16
C PHE C 28 15.89 -11.62 17.76
N GLN C 29 16.50 -10.47 17.52
CA GLN C 29 15.96 -9.19 17.97
C GLN C 29 16.25 -8.10 16.94
N VAL C 30 15.25 -7.31 16.61
CA VAL C 30 15.43 -6.24 15.63
C VAL C 30 15.23 -4.87 16.27
N VAL C 31 16.11 -3.93 15.91
CA VAL C 31 15.88 -2.52 16.21
C VAL C 31 15.30 -1.93 14.92
N TYR C 32 14.04 -1.56 15.00
CA TYR C 32 13.37 -0.99 13.86
C TYR C 32 13.59 0.51 13.77
N ASP C 33 13.23 1.09 12.64
CA ASP C 33 12.95 2.50 12.59
C ASP C 33 11.44 2.67 12.74
N LEU C 34 11.02 3.64 13.55
CA LEU C 34 9.62 4.00 13.64
C LEU C 34 9.53 5.51 13.45
N ASN C 35 9.18 5.90 12.22
CA ASN C 35 9.02 7.30 11.82
C ASN C 35 10.25 8.17 12.12
N GLY C 36 11.42 7.65 11.73
CA GLY C 36 12.70 8.33 11.95
C GLY C 36 13.37 8.12 13.30
N SER C 37 12.70 7.44 14.22
CA SER C 37 13.29 7.15 15.55
C SER C 37 13.51 5.65 15.77
N PRO C 38 14.55 5.28 16.53
CA PRO C 38 14.78 3.85 16.76
C PRO C 38 13.73 3.25 17.67
N TYR C 39 13.25 2.07 17.30
CA TYR C 39 12.33 1.30 18.15
C TYR C 39 12.92 -0.10 18.44
N VAL C 40 13.22 -0.35 19.72
CA VAL C 40 13.90 -1.60 20.09
C VAL C 40 12.89 -2.72 20.21
N GLY C 41 12.98 -3.70 19.31
CA GLY C 41 12.01 -4.78 19.29
C GLY C 41 12.17 -5.70 20.46
N GLN C 42 11.15 -6.50 20.72
CA GLN C 42 11.23 -7.58 21.68
C GLN C 42 12.40 -8.49 21.33
N ASN C 43 13.09 -8.98 22.36
CA ASN C 43 14.18 -9.90 22.09
C ASN C 43 13.61 -11.32 22.14
N HIS C 44 13.64 -12.01 21.00
CA HIS C 44 13.05 -13.35 20.88
C HIS C 44 14.08 -14.40 21.17
N LYS C 45 13.98 -15.03 22.35
CA LYS C 45 15.10 -15.83 22.84
C LYS C 45 14.81 -17.32 22.79
N SER C 46 15.82 -18.06 22.41
CA SER C 46 15.76 -19.51 22.50
C SER C 46 15.50 -19.97 23.96
N PHE C 47 14.87 -21.13 24.10
CA PHE C 47 14.70 -21.80 25.40
C PHE C 47 16.06 -22.20 26.01
N ILE C 48 17.08 -22.38 25.17
CA ILE C 48 18.40 -22.74 25.66
C ILE C 48 19.37 -21.61 25.38
N THR C 49 20.55 -21.68 25.98
CA THR C 49 21.60 -20.68 25.77
C THR C 49 22.91 -21.37 25.34
N GLY C 50 23.92 -20.57 25.04
CA GLY C 50 25.15 -21.08 24.45
C GLY C 50 25.47 -20.55 23.07
N PHE C 51 24.60 -19.71 22.51
CA PHE C 51 24.83 -19.21 21.13
C PHE C 51 25.83 -18.07 21.06
N THR C 52 26.38 -17.86 19.86
CA THR C 52 27.29 -16.77 19.58
C THR C 52 26.45 -15.58 19.07
N PRO C 53 26.53 -14.41 19.76
CA PRO C 53 25.74 -13.28 19.29
C PRO C 53 26.42 -12.54 18.16
N VAL C 54 25.59 -11.95 17.29
CA VAL C 54 26.08 -11.11 16.22
C VAL C 54 25.16 -9.88 16.13
N LYS C 55 25.76 -8.74 15.83
CA LYS C 55 25.01 -7.48 15.61
C LYS C 55 25.27 -6.99 14.19
N ILE C 56 24.21 -6.92 13.40
CA ILE C 56 24.24 -6.30 12.08
C ILE C 56 23.71 -4.86 12.23
N SER C 57 24.62 -3.88 12.19
CA SER C 57 24.25 -2.48 12.33
C SER C 57 24.20 -1.84 10.96
N LEU C 58 22.99 -1.58 10.49
CA LEU C 58 22.82 -1.02 9.15
C LEU C 58 23.00 0.50 9.14
N ASP C 59 23.53 1.02 8.04
CA ASP C 59 23.64 2.48 7.87
C ASP C 59 22.29 3.01 7.40
N PHE C 60 21.31 2.98 8.30
CA PHE C 60 19.94 3.47 8.01
C PHE C 60 19.95 4.98 7.92
N PRO C 61 19.21 5.56 6.96
CA PRO C 61 18.32 4.97 5.94
C PRO C 61 18.93 4.60 4.58
N SER C 62 20.22 4.88 4.34
CA SER C 62 20.77 4.60 3.01
C SER C 62 20.97 3.11 2.73
N GLU C 63 21.17 2.32 3.80
CA GLU C 63 21.42 0.89 3.68
C GLU C 63 20.16 0.14 4.05
N TYR C 64 19.75 -0.79 3.20
CA TYR C 64 18.56 -1.61 3.43
C TYR C 64 18.73 -3.01 2.85
N ILE C 65 18.01 -3.97 3.44
CA ILE C 65 18.08 -5.40 3.02
C ILE C 65 17.43 -5.62 1.65
N MET C 66 18.14 -6.23 0.72
CA MET C 66 17.57 -6.56 -0.60
C MET C 66 17.22 -8.05 -0.76
N GLU C 67 17.83 -8.91 0.07
CA GLU C 67 17.55 -10.34 -0.02
C GLU C 67 17.83 -11.01 1.31
N VAL C 68 16.94 -11.91 1.70
CA VAL C 68 17.18 -12.71 2.90
C VAL C 68 17.27 -14.13 2.38
N SER C 69 18.26 -14.89 2.83
CA SER C 69 18.32 -16.27 2.38
C SER C 69 18.81 -17.14 3.54
N GLY C 70 18.66 -18.44 3.38
CA GLY C 70 19.16 -19.34 4.39
C GLY C 70 18.87 -20.77 4.10
N TYR C 71 19.11 -21.63 5.09
CA TYR C 71 18.85 -23.06 4.95
C TYR C 71 18.00 -23.55 6.11
N THR C 72 17.09 -24.47 5.83
CA THR C 72 16.33 -25.16 6.88
C THR C 72 16.79 -26.62 6.92
N GLY C 73 17.00 -27.16 8.11
CA GLY C 73 17.51 -28.53 8.24
C GLY C 73 17.13 -29.11 9.58
N ASN C 74 17.34 -30.41 9.75
CA ASN C 74 16.97 -31.06 10.98
C ASN C 74 18.13 -31.00 11.98
N VAL C 75 17.83 -30.47 13.17
CA VAL C 75 18.80 -30.44 14.27
C VAL C 75 18.18 -31.15 15.47
N SER C 76 18.81 -32.25 15.88
CA SER C 76 18.36 -33.08 17.02
C SER C 76 16.87 -33.38 16.98
N GLY C 77 16.35 -33.65 15.79
CA GLY C 77 14.92 -33.98 15.65
C GLY C 77 14.01 -32.81 15.32
N TYR C 78 14.56 -31.60 15.31
CA TYR C 78 13.75 -30.41 15.04
C TYR C 78 14.12 -29.83 13.69
N VAL C 79 13.12 -29.51 12.88
CA VAL C 79 13.37 -28.84 11.61
C VAL C 79 13.33 -27.34 11.86
N VAL C 80 14.44 -26.69 11.58
CA VAL C 80 14.66 -25.30 12.04
C VAL C 80 15.49 -24.53 11.00
N VAL C 81 15.59 -23.22 11.19
CA VAL C 81 16.39 -22.40 10.31
C VAL C 81 17.80 -22.54 10.78
N ARG C 82 18.62 -23.22 9.97
CA ARG C 82 19.98 -23.50 10.38
C ARG C 82 20.93 -22.38 10.02
N SER C 83 20.51 -21.53 9.08
CA SER C 83 21.44 -20.52 8.59
C SER C 83 20.66 -19.34 8.04
N LEU C 84 21.21 -18.14 8.24
CA LEU C 84 20.70 -16.88 7.63
C LEU C 84 21.79 -16.05 7.02
N THR C 85 21.46 -15.40 5.89
CA THR C 85 22.33 -14.41 5.24
C THR C 85 21.44 -13.21 4.91
N PHE C 86 21.95 -12.01 5.18
CA PHE C 86 21.22 -10.79 4.83
C PHE C 86 22.07 -10.02 3.84
N LYS C 87 21.54 -9.78 2.63
CA LYS C 87 22.25 -9.03 1.64
C LYS C 87 21.61 -7.65 1.57
N THR C 88 22.41 -6.61 1.78
CA THR C 88 21.88 -5.26 1.59
C THR C 88 22.38 -4.66 0.27
N ASN C 89 22.01 -3.41 0.02
CA ASN C 89 22.50 -2.67 -1.15
C ASN C 89 23.99 -2.31 -0.98
N LYS C 90 24.49 -2.44 0.25
CA LYS C 90 25.90 -2.17 0.55
C LYS C 90 26.78 -3.42 0.68
N LYS C 91 26.28 -4.46 1.35
CA LYS C 91 27.09 -5.65 1.58
C LYS C 91 26.31 -6.89 2.01
N THR C 92 27.03 -8.01 2.14
CA THR C 92 26.44 -9.26 2.56
C THR C 92 26.87 -9.54 4.02
N TYR C 93 25.92 -9.93 4.84
CA TYR C 93 26.14 -10.22 6.27
C TYR C 93 25.80 -11.68 6.38
N GLY C 94 26.80 -12.48 6.72
CA GLY C 94 26.60 -13.91 6.81
C GLY C 94 27.28 -14.66 5.68
N PRO C 95 26.99 -15.96 5.56
CA PRO C 95 25.99 -16.69 6.34
C PRO C 95 26.41 -16.91 7.79
N TYR C 96 25.42 -16.86 8.68
CA TYR C 96 25.53 -17.20 10.07
C TYR C 96 24.85 -18.56 10.31
N GLY C 97 25.58 -19.50 10.91
CA GLY C 97 24.99 -20.79 11.22
C GLY C 97 25.57 -21.88 10.34
N VAL C 98 24.75 -22.85 9.98
CA VAL C 98 25.24 -24.00 9.24
C VAL C 98 24.54 -24.04 7.88
N THR C 99 25.29 -23.89 6.80
CA THR C 99 24.67 -23.82 5.47
C THR C 99 24.36 -25.21 4.92
N SER C 100 23.46 -25.92 5.59
CA SER C 100 23.14 -27.28 5.26
C SER C 100 21.64 -27.56 5.31
N GLY C 101 21.10 -28.16 4.25
CA GLY C 101 19.71 -28.57 4.23
C GLY C 101 18.99 -28.02 3.01
N THR C 102 17.77 -27.53 3.20
CA THR C 102 16.99 -27.01 2.06
C THR C 102 17.11 -25.48 2.02
N PRO C 103 17.52 -24.92 0.86
CA PRO C 103 17.69 -23.46 0.80
C PRO C 103 16.34 -22.74 0.63
N PHE C 104 16.29 -21.48 1.07
CA PHE C 104 15.17 -20.61 0.71
C PHE C 104 15.77 -19.23 0.46
N ASN C 105 15.05 -18.41 -0.28
CA ASN C 105 15.51 -17.04 -0.43
C ASN C 105 14.35 -16.12 -0.77
N LEU C 106 14.44 -14.90 -0.25
CA LEU C 106 13.46 -13.85 -0.58
C LEU C 106 14.21 -12.64 -1.11
N PRO C 107 14.31 -12.52 -2.44
CA PRO C 107 14.89 -11.36 -3.03
C PRO C 107 13.81 -10.31 -3.28
N ILE C 108 14.17 -9.05 -3.11
CA ILE C 108 13.22 -7.96 -3.21
C ILE C 108 13.72 -7.05 -4.29
N GLU C 109 12.86 -6.84 -5.28
CA GLU C 109 13.15 -5.94 -6.36
C GLU C 109 12.63 -4.53 -6.04
N ASN C 110 11.50 -4.44 -5.35
CA ASN C 110 10.98 -3.15 -4.96
C ASN C 110 10.18 -3.29 -3.68
N GLY C 111 10.51 -2.46 -2.70
CA GLY C 111 9.88 -2.57 -1.41
C GLY C 111 10.87 -2.77 -0.28
N LEU C 112 10.34 -2.82 0.93
CA LEU C 112 11.18 -2.92 2.14
C LEU C 112 10.66 -3.95 3.11
N ILE C 113 11.57 -4.68 3.76
CA ILE C 113 11.15 -5.48 4.93
C ILE C 113 10.91 -4.54 6.10
N VAL C 114 9.73 -4.60 6.70
CA VAL C 114 9.42 -3.67 7.80
C VAL C 114 9.02 -4.36 9.09
N GLY C 115 9.19 -5.68 9.15
CA GLY C 115 8.75 -6.42 10.32
C GLY C 115 8.99 -7.89 10.17
N PHE C 116 9.06 -8.59 11.32
CA PHE C 116 9.29 -10.04 11.36
C PHE C 116 8.31 -10.66 12.33
N LYS C 117 7.92 -11.90 12.02
CA LYS C 117 7.19 -12.75 12.92
C LYS C 117 7.76 -14.16 12.73
N GLY C 118 7.44 -15.05 13.65
CA GLY C 118 7.95 -16.40 13.52
C GLY C 118 7.76 -17.15 14.82
N SER C 119 8.65 -18.11 15.04
CA SER C 119 8.53 -18.96 16.22
C SER C 119 9.94 -19.40 16.59
N ILE C 120 10.28 -19.34 17.89
CA ILE C 120 11.57 -19.82 18.37
C ILE C 120 11.36 -20.75 19.56
N GLY C 121 11.99 -21.93 19.48
CA GLY C 121 11.96 -22.94 20.55
C GLY C 121 13.38 -23.07 21.06
N TYR C 122 13.97 -24.25 20.88
CA TYR C 122 15.40 -24.35 21.01
C TYR C 122 16.09 -23.51 19.94
N TRP C 123 15.53 -23.50 18.73
CA TRP C 123 16.08 -22.73 17.61
C TRP C 123 14.98 -21.97 16.90
N LEU C 124 15.38 -21.09 16.01
CA LEU C 124 14.43 -20.42 15.11
C LEU C 124 13.74 -21.48 14.21
N ASP C 125 12.45 -21.67 14.46
CA ASP C 125 11.64 -22.69 13.76
C ASP C 125 11.26 -22.22 12.35
N TYR C 126 10.79 -20.98 12.29
CA TYR C 126 10.31 -20.41 11.04
C TYR C 126 10.14 -18.91 11.22
N PHE C 127 10.07 -18.19 10.10
CA PHE C 127 9.79 -16.77 10.16
C PHE C 127 9.13 -16.27 8.89
N SER C 128 8.48 -15.12 9.02
CA SER C 128 7.81 -14.47 7.89
C SER C 128 8.19 -13.00 7.98
N MET C 129 7.98 -12.25 6.88
CA MET C 129 8.40 -10.85 6.86
C MET C 129 7.25 -9.99 6.36
N TYR C 130 7.05 -8.86 7.03
CA TYR C 130 6.15 -7.80 6.52
C TYR C 130 6.90 -6.99 5.50
N LEU C 131 6.26 -6.74 4.36
CA LEU C 131 6.87 -5.94 3.30
C LEU C 131 6.01 -4.72 3.04
N SER C 132 6.65 -3.57 2.79
CA SER C 132 5.92 -2.35 2.47
C SER C 132 6.64 -1.53 1.41
N LEU C 133 5.92 -0.64 0.77
CA LEU C 133 6.55 0.48 0.09
C LEU C 133 6.90 1.55 1.14
N GLN D 2 -13.62 -5.28 7.38
CA GLN D 2 -13.31 -3.86 7.75
C GLN D 2 -13.07 -3.72 9.25
N SER D 3 -11.82 -3.46 9.63
CA SER D 3 -11.48 -3.18 11.01
C SER D 3 -10.54 -1.98 11.04
N GLY D 4 -10.34 -1.45 12.23
CA GLY D 4 -9.48 -0.31 12.44
C GLY D 4 -8.01 -0.62 12.45
N ILE D 5 -7.62 -1.84 12.05
CA ILE D 5 -6.19 -2.22 12.03
C ILE D 5 -5.61 -2.15 10.63
N SER D 6 -4.54 -1.38 10.47
CA SER D 6 -3.88 -1.23 9.18
C SER D 6 -3.31 -2.58 8.76
N GLN D 7 -3.31 -2.90 7.48
CA GLN D 7 -2.66 -4.15 7.10
C GLN D 7 -1.49 -3.96 6.17
N THR D 8 -0.70 -5.02 6.02
CA THR D 8 0.56 -4.96 5.35
C THR D 8 0.70 -6.31 4.60
N VAL D 9 1.41 -6.31 3.48
CA VAL D 9 1.83 -7.58 2.83
C VAL D 9 2.71 -8.41 3.80
N ILE D 10 2.45 -9.71 3.92
CA ILE D 10 3.31 -10.61 4.73
C ILE D 10 3.67 -11.80 3.85
N VAL D 11 4.97 -12.03 3.71
CA VAL D 11 5.42 -13.22 2.97
C VAL D 11 6.10 -14.20 3.93
N GLY D 12 5.98 -15.49 3.61
CA GLY D 12 6.47 -16.58 4.47
C GLY D 12 5.30 -17.47 4.87
N PRO D 13 5.53 -18.43 5.76
CA PRO D 13 6.80 -18.58 6.47
C PRO D 13 7.86 -19.40 5.73
N TRP D 14 9.12 -19.18 6.13
CA TRP D 14 10.19 -20.10 5.74
C TRP D 14 10.76 -20.75 6.96
N GLY D 15 11.26 -21.97 6.78
CA GLY D 15 11.75 -22.73 7.91
C GLY D 15 10.94 -23.99 7.95
N ALA D 16 10.36 -24.28 9.09
CA ALA D 16 9.58 -25.50 9.28
C ALA D 16 8.13 -25.37 8.78
N LYS D 17 7.78 -24.19 8.24
CA LYS D 17 6.39 -23.76 7.97
C LYS D 17 5.59 -23.56 9.27
N GLY E 1 -29.10 9.42 -10.67
CA GLY E 1 -28.13 9.37 -11.79
C GLY E 1 -27.56 7.99 -12.04
N LYS E 2 -26.58 7.94 -12.94
CA LYS E 2 -25.90 6.68 -13.28
C LYS E 2 -24.56 6.60 -12.57
N ALA E 3 -24.43 5.61 -11.69
CA ALA E 3 -23.20 5.40 -10.94
C ALA E 3 -22.13 4.92 -11.89
N PHE E 4 -20.88 5.32 -11.65
CA PHE E 4 -19.76 4.79 -12.41
C PHE E 4 -18.63 4.49 -11.44
N ASP E 5 -17.71 3.64 -11.90
CA ASP E 5 -16.54 3.28 -11.10
C ASP E 5 -15.44 2.75 -12.01
N ASP E 6 -14.43 3.57 -12.23
CA ASP E 6 -13.35 3.22 -13.14
C ASP E 6 -12.40 2.20 -12.49
N GLY E 7 -12.38 2.17 -11.17
CA GLY E 7 -11.37 1.39 -10.45
C GLY E 7 -10.02 2.10 -10.43
N ALA E 8 -8.96 1.34 -10.15
CA ALA E 8 -7.66 1.93 -9.88
C ALA E 8 -6.67 1.55 -11.00
N PHE E 9 -5.78 2.48 -11.35
CA PHE E 9 -4.82 2.36 -12.46
C PHE E 9 -3.41 2.70 -11.97
N THR E 10 -2.47 2.97 -12.84
CA THR E 10 -1.18 3.33 -12.32
C THR E 10 -0.91 4.83 -12.36
N GLY E 11 -1.81 5.61 -12.97
CA GLY E 11 -1.59 7.05 -13.03
C GLY E 11 -2.61 7.69 -13.94
N ILE E 12 -2.49 8.99 -14.10
CA ILE E 12 -3.42 9.76 -14.95
C ILE E 12 -2.66 10.48 -16.05
N ARG E 13 -3.10 10.30 -17.29
CA ARG E 13 -2.53 11.00 -18.44
C ARG E 13 -3.35 12.22 -18.87
N GLU E 14 -4.67 12.12 -18.81
CA GLU E 14 -5.53 13.16 -19.38
C GLU E 14 -6.87 13.13 -18.69
N ILE E 15 -7.43 14.30 -18.44
CA ILE E 15 -8.80 14.40 -17.94
C ILE E 15 -9.64 15.15 -18.96
N ASN E 16 -10.72 14.53 -19.41
CA ASN E 16 -11.68 15.25 -20.25
C ASN E 16 -12.92 15.50 -19.41
N LEU E 17 -13.40 16.75 -19.37
CA LEU E 17 -14.66 17.01 -18.71
C LEU E 17 -15.46 18.01 -19.50
N SER E 18 -16.70 18.18 -19.12
CA SER E 18 -17.47 19.27 -19.72
C SER E 18 -18.18 20.04 -18.62
N TYR E 19 -18.58 21.27 -18.92
CA TYR E 19 -19.26 22.05 -17.90
C TYR E 19 -20.12 23.09 -18.59
N ASN E 20 -21.01 23.69 -17.82
CA ASN E 20 -21.76 24.87 -18.24
C ASN E 20 -21.59 25.95 -17.18
N LYS E 21 -21.31 27.17 -17.63
CA LYS E 21 -20.95 28.29 -16.76
C LYS E 21 -22.15 28.77 -15.92
N GLU E 22 -23.31 28.22 -16.18
CA GLU E 22 -24.50 28.61 -15.43
C GLU E 22 -25.07 27.47 -14.59
N THR E 23 -24.68 26.23 -14.85
CA THR E 23 -25.16 25.11 -14.03
C THR E 23 -24.01 24.37 -13.29
N ALA E 24 -23.41 23.37 -13.93
CA ALA E 24 -22.52 22.45 -13.20
C ALA E 24 -21.63 21.66 -14.16
N ILE E 25 -20.82 20.77 -13.61
CA ILE E 25 -20.03 19.83 -14.42
C ILE E 25 -20.99 18.80 -15.02
N GLY E 26 -20.80 18.48 -16.30
CA GLY E 26 -21.63 17.46 -16.98
C GLY E 26 -20.94 16.12 -17.17
N ASP E 27 -19.98 16.06 -18.10
CA ASP E 27 -19.36 14.81 -18.49
C ASP E 27 -17.99 14.68 -17.86
N PHE E 28 -17.52 13.45 -17.74
CA PHE E 28 -16.19 13.20 -17.19
C PHE E 28 -15.57 11.95 -17.77
N GLN E 29 -14.34 12.05 -18.28
CA GLN E 29 -13.62 10.88 -18.84
C GLN E 29 -12.15 10.99 -18.59
N VAL E 30 -11.52 9.90 -18.13
CA VAL E 30 -10.10 9.95 -17.83
C VAL E 30 -9.31 9.03 -18.75
N VAL E 31 -8.18 9.51 -19.24
CA VAL E 31 -7.21 8.63 -19.85
C VAL E 31 -6.18 8.32 -18.75
N TYR E 32 -6.26 7.09 -18.28
CA TYR E 32 -5.31 6.59 -17.29
C TYR E 32 -3.99 6.11 -17.87
N ASP E 33 -2.99 5.98 -17.00
CA ASP E 33 -1.84 5.19 -17.36
C ASP E 33 -2.04 3.81 -16.78
N LEU E 34 -1.69 2.79 -17.56
CA LEU E 34 -1.74 1.46 -17.02
C LEU E 34 -0.40 0.80 -17.34
N ASN E 35 0.44 0.72 -16.33
CA ASN E 35 1.77 0.10 -16.49
C ASN E 35 2.58 0.72 -17.64
N GLY E 36 2.51 2.05 -17.74
CA GLY E 36 3.24 2.77 -18.79
C GLY E 36 2.57 2.88 -20.16
N SER E 37 1.37 2.33 -20.31
CA SER E 37 0.62 2.51 -21.55
C SER E 37 -0.68 3.27 -21.26
N PRO E 38 -1.17 4.07 -22.22
CA PRO E 38 -2.45 4.74 -22.00
C PRO E 38 -3.60 3.75 -21.96
N TYR E 39 -4.55 4.00 -21.07
CA TYR E 39 -5.80 3.24 -20.98
C TYR E 39 -6.95 4.24 -21.00
N VAL E 40 -7.75 4.19 -22.05
CA VAL E 40 -8.80 5.18 -22.27
C VAL E 40 -10.00 4.73 -21.45
N GLY E 41 -10.32 5.46 -20.39
CA GLY E 41 -11.42 5.08 -19.53
C GLY E 41 -12.76 5.27 -20.20
N GLN E 42 -13.79 4.65 -19.65
CA GLN E 42 -15.15 4.94 -20.04
C GLN E 42 -15.51 6.44 -20.00
N ASN E 43 -16.26 6.89 -20.99
CA ASN E 43 -16.73 8.27 -21.01
C ASN E 43 -18.06 8.36 -20.23
N HIS E 44 -18.06 9.07 -19.10
CA HIS E 44 -19.23 9.12 -18.23
C HIS E 44 -19.97 10.35 -18.58
N LYS E 45 -21.12 10.17 -19.24
CA LYS E 45 -21.81 11.32 -19.89
C LYS E 45 -23.07 11.71 -19.16
N SER E 46 -23.32 13.02 -19.10
CA SER E 46 -24.58 13.54 -18.65
C SER E 46 -25.73 12.97 -19.52
N PHE E 47 -26.93 12.93 -18.95
CA PHE E 47 -28.14 12.53 -19.68
C PHE E 47 -28.55 13.67 -20.62
N ILE E 48 -27.97 14.86 -20.43
CA ILE E 48 -28.22 15.95 -21.37
C ILE E 48 -26.94 16.40 -22.03
N THR E 49 -27.07 17.22 -23.07
CA THR E 49 -25.91 17.70 -23.78
C THR E 49 -25.98 19.21 -23.96
N GLY E 50 -24.88 19.77 -24.48
CA GLY E 50 -24.71 21.22 -24.67
C GLY E 50 -23.65 21.79 -23.77
N PHE E 51 -22.90 20.90 -23.11
CA PHE E 51 -21.79 21.35 -22.28
C PHE E 51 -20.57 21.77 -23.09
N THR E 52 -19.72 22.58 -22.48
CA THR E 52 -18.47 22.98 -23.09
C THR E 52 -17.40 21.97 -22.71
N PRO E 53 -16.75 21.34 -23.71
CA PRO E 53 -15.73 20.35 -23.36
C PRO E 53 -14.36 20.99 -23.11
N VAL E 54 -13.57 20.32 -22.27
CA VAL E 54 -12.25 20.75 -21.78
C VAL E 54 -11.38 19.50 -21.84
N LYS E 55 -10.15 19.62 -22.35
CA LYS E 55 -9.18 18.51 -22.26
C LYS E 55 -7.98 18.97 -21.46
N ILE E 56 -7.68 18.27 -20.38
CA ILE E 56 -6.50 18.54 -19.56
C ILE E 56 -5.49 17.46 -19.90
N SER E 57 -4.41 17.81 -20.62
CA SER E 57 -3.43 16.77 -21.03
C SER E 57 -2.20 16.94 -20.20
N LEU E 58 -1.95 16.00 -19.30
CA LEU E 58 -0.83 16.15 -18.39
C LEU E 58 0.45 15.66 -19.02
N ASP E 59 1.57 16.27 -18.61
CA ASP E 59 2.88 15.81 -19.05
C ASP E 59 3.28 14.61 -18.20
N PHE E 60 2.60 13.48 -18.42
CA PHE E 60 2.84 12.23 -17.67
C PHE E 60 4.19 11.62 -18.10
N PRO E 61 4.98 11.11 -17.13
CA PRO E 61 4.73 10.94 -15.69
C PRO E 61 5.17 12.06 -14.76
N SER E 62 5.84 13.11 -15.26
CA SER E 62 6.43 14.09 -14.35
C SER E 62 5.39 15.02 -13.76
N GLU E 63 4.33 15.26 -14.52
CA GLU E 63 3.26 16.13 -14.05
C GLU E 63 2.12 15.27 -13.49
N TYR E 64 1.68 15.60 -12.27
CA TYR E 64 0.57 14.87 -11.64
C TYR E 64 -0.23 15.82 -10.76
N ILE E 65 -1.48 15.45 -10.51
CA ILE E 65 -2.41 16.20 -9.68
C ILE E 65 -1.99 16.18 -8.22
N MET E 66 -1.91 17.37 -7.63
CA MET E 66 -1.65 17.53 -6.19
C MET E 66 -2.85 17.99 -5.40
N GLU E 67 -3.85 18.56 -6.06
CA GLU E 67 -5.06 18.96 -5.37
C GLU E 67 -6.25 18.97 -6.29
N VAL E 68 -7.36 18.42 -5.81
CA VAL E 68 -8.61 18.52 -6.52
C VAL E 68 -9.49 19.38 -5.66
N SER E 69 -10.06 20.43 -6.23
CA SER E 69 -11.01 21.19 -5.45
C SER E 69 -12.25 21.51 -6.27
N GLY E 70 -13.26 22.02 -5.59
CA GLY E 70 -14.49 22.40 -6.27
C GLY E 70 -15.55 22.94 -5.34
N TYR E 71 -16.75 23.09 -5.89
CA TYR E 71 -17.90 23.54 -5.16
C TYR E 71 -19.03 22.58 -5.40
N THR E 72 -19.80 22.27 -4.35
CA THR E 72 -21.05 21.55 -4.51
C THR E 72 -22.20 22.50 -4.20
N GLY E 73 -23.29 22.37 -4.95
CA GLY E 73 -24.43 23.23 -4.71
C GLY E 73 -25.67 22.77 -5.44
N ASN E 74 -26.66 23.65 -5.46
CA ASN E 74 -28.00 23.30 -5.85
C ASN E 74 -28.23 23.76 -7.27
N VAL E 75 -28.71 22.84 -8.12
CA VAL E 75 -29.11 23.18 -9.49
C VAL E 75 -30.42 22.44 -9.70
N SER E 76 -31.51 23.17 -9.88
CA SER E 76 -32.85 22.56 -10.10
C SER E 76 -33.26 21.59 -9.00
N GLY E 77 -32.97 21.95 -7.75
CA GLY E 77 -33.31 21.10 -6.61
C GLY E 77 -32.40 19.91 -6.37
N TYR E 78 -31.30 19.80 -7.11
CA TYR E 78 -30.35 18.71 -6.92
C TYR E 78 -29.00 19.22 -6.45
N VAL E 79 -28.44 18.57 -5.45
CA VAL E 79 -27.07 18.86 -5.02
C VAL E 79 -26.14 18.17 -6.02
N VAL E 80 -25.26 18.96 -6.63
CA VAL E 80 -24.34 18.48 -7.68
C VAL E 80 -22.99 19.17 -7.50
N VAL E 81 -21.98 18.67 -8.22
CA VAL E 81 -20.65 19.26 -8.23
C VAL E 81 -20.71 20.37 -9.29
N ARG E 82 -20.71 21.60 -8.84
CA ARG E 82 -20.88 22.75 -9.71
C ARG E 82 -19.58 23.20 -10.38
N SER E 83 -18.45 22.92 -9.72
CA SER E 83 -17.17 23.29 -10.33
C SER E 83 -16.05 22.37 -9.84
N LEU E 84 -15.03 22.27 -10.69
CA LEU E 84 -13.81 21.55 -10.38
C LEU E 84 -12.63 22.35 -10.78
N THR E 85 -11.60 22.24 -9.95
CA THR E 85 -10.28 22.73 -10.27
C THR E 85 -9.24 21.61 -10.02
N PHE E 86 -8.29 21.46 -10.93
CA PHE E 86 -7.20 20.47 -10.77
C PHE E 86 -5.90 21.20 -10.73
N LYS E 87 -5.17 21.05 -9.62
CA LYS E 87 -3.86 21.69 -9.48
C LYS E 87 -2.83 20.59 -9.56
N THR E 88 -1.84 20.76 -10.45
CA THR E 88 -0.75 19.81 -10.54
C THR E 88 0.51 20.44 -9.97
N ASN E 89 1.59 19.67 -9.95
CA ASN E 89 2.89 20.16 -9.51
C ASN E 89 3.44 21.25 -10.44
N LYS E 90 2.78 21.47 -11.57
CA LYS E 90 3.27 22.40 -12.58
C LYS E 90 2.30 23.52 -12.95
N LYS E 91 1.00 23.25 -12.93
CA LYS E 91 0.00 24.19 -13.45
C LYS E 91 -1.33 24.01 -12.74
N THR E 92 -2.20 25.02 -12.84
CA THR E 92 -3.56 24.88 -12.34
C THR E 92 -4.52 24.86 -13.53
N TYR E 93 -5.51 23.97 -13.47
CA TYR E 93 -6.50 23.82 -14.52
C TYR E 93 -7.88 24.09 -13.92
N GLY E 94 -8.51 25.17 -14.36
CA GLY E 94 -9.81 25.57 -13.81
C GLY E 94 -9.72 26.89 -13.07
N PRO E 95 -10.81 27.29 -12.40
CA PRO E 95 -12.03 26.49 -12.19
C PRO E 95 -12.87 26.32 -13.43
N TYR E 96 -13.53 25.17 -13.52
CA TYR E 96 -14.49 24.89 -14.58
C TYR E 96 -15.86 24.79 -13.96
N GLY E 97 -16.83 25.57 -14.46
CA GLY E 97 -18.17 25.49 -13.88
C GLY E 97 -18.57 26.74 -13.12
N VAL E 98 -19.30 26.58 -12.01
CA VAL E 98 -19.80 27.71 -11.24
C VAL E 98 -19.21 27.67 -9.83
N THR E 99 -18.45 28.69 -9.44
CA THR E 99 -17.77 28.66 -8.13
C THR E 99 -18.63 29.19 -6.98
N SER E 100 -19.75 28.53 -6.72
CA SER E 100 -20.58 28.87 -5.58
C SER E 100 -21.20 27.64 -4.93
N GLY E 101 -21.42 27.76 -3.63
CA GLY E 101 -22.00 26.68 -2.85
C GLY E 101 -21.02 26.32 -1.78
N THR E 102 -20.88 25.02 -1.50
CA THR E 102 -20.01 24.51 -0.45
C THR E 102 -18.68 24.09 -1.07
N PRO E 103 -17.56 24.69 -0.62
CA PRO E 103 -16.31 24.26 -1.25
C PRO E 103 -15.84 22.93 -0.65
N PHE E 104 -15.02 22.21 -1.41
CA PHE E 104 -14.33 21.02 -0.88
C PHE E 104 -12.98 21.01 -1.56
N ASN E 105 -12.01 20.31 -0.96
CA ASN E 105 -10.71 20.21 -1.57
C ASN E 105 -9.96 19.01 -1.03
N LEU E 106 -9.25 18.34 -1.92
CA LEU E 106 -8.43 17.20 -1.52
C LEU E 106 -7.02 17.51 -1.96
N PRO E 107 -6.18 18.10 -1.07
CA PRO E 107 -4.76 18.26 -1.37
C PRO E 107 -4.03 16.98 -1.00
N ILE E 108 -2.99 16.66 -1.76
CA ILE E 108 -2.21 15.43 -1.53
C ILE E 108 -0.77 15.82 -1.26
N GLU E 109 -0.25 15.44 -0.10
CA GLU E 109 1.19 15.63 0.19
C GLU E 109 2.07 14.50 -0.34
N ASN E 110 1.55 13.27 -0.30
CA ASN E 110 2.29 12.13 -0.79
C ASN E 110 1.31 11.13 -1.35
N GLY E 111 1.58 10.63 -2.54
CA GLY E 111 0.66 9.70 -3.17
C GLY E 111 0.04 10.28 -4.42
N LEU E 112 -0.77 9.47 -5.09
CA LEU E 112 -1.35 9.76 -6.39
C LEU E 112 -2.83 9.39 -6.48
N ILE E 113 -3.59 10.21 -7.19
CA ILE E 113 -4.92 9.81 -7.63
C ILE E 113 -4.74 8.80 -8.77
N VAL E 114 -5.37 7.63 -8.66
CA VAL E 114 -5.20 6.56 -9.64
C VAL E 114 -6.53 6.08 -10.18
N GLY E 115 -7.62 6.75 -9.78
CA GLY E 115 -8.92 6.31 -10.26
C GLY E 115 -10.05 7.18 -9.71
N PHE E 116 -11.18 7.16 -10.42
CA PHE E 116 -12.35 7.91 -10.01
C PHE E 116 -13.56 7.02 -10.03
N LYS E 117 -14.54 7.38 -9.20
CA LYS E 117 -15.89 6.77 -9.20
C LYS E 117 -16.88 7.84 -8.79
N GLY E 118 -18.16 7.61 -9.08
CA GLY E 118 -19.12 8.62 -8.72
C GLY E 118 -20.45 8.35 -9.38
N SER E 119 -21.19 9.41 -9.63
CA SER E 119 -22.51 9.28 -10.29
C SER E 119 -22.84 10.54 -11.07
N ILE E 120 -23.44 10.35 -12.25
CA ILE E 120 -23.77 11.50 -13.12
C ILE E 120 -25.21 11.32 -13.61
N GLY E 121 -26.03 12.34 -13.37
CA GLY E 121 -27.41 12.43 -13.92
C GLY E 121 -27.42 13.49 -15.02
N TYR E 122 -28.12 14.61 -14.80
CA TYR E 122 -27.95 15.78 -15.67
C TYR E 122 -26.57 16.39 -15.45
N TRP E 123 -26.11 16.29 -14.20
CA TRP E 123 -24.80 16.81 -13.79
C TRP E 123 -24.07 15.80 -12.95
N LEU E 124 -22.78 15.98 -12.79
CA LEU E 124 -22.01 15.17 -11.82
C LEU E 124 -22.59 15.34 -10.41
N ASP E 125 -23.14 14.24 -9.86
CA ASP E 125 -23.83 14.26 -8.56
C ASP E 125 -22.82 14.20 -7.39
N TYR E 126 -21.84 13.32 -7.53
CA TYR E 126 -20.84 13.11 -6.48
C TYR E 126 -19.71 12.31 -7.07
N PHE E 127 -18.55 12.37 -6.44
CA PHE E 127 -17.42 11.55 -6.89
C PHE E 127 -16.45 11.23 -5.78
N SER E 128 -15.69 10.16 -5.99
CA SER E 128 -14.68 9.75 -5.00
C SER E 128 -13.42 9.46 -5.82
N MET E 129 -12.29 9.34 -5.13
CA MET E 129 -11.02 9.10 -5.80
C MET E 129 -10.25 7.96 -5.11
N TYR E 130 -9.67 7.11 -5.93
CA TYR E 130 -8.71 6.09 -5.49
C TYR E 130 -7.34 6.69 -5.35
N LEU E 131 -6.66 6.40 -4.23
CA LEU E 131 -5.35 6.97 -3.99
C LEU E 131 -4.38 5.83 -3.76
N SER E 132 -3.17 6.02 -4.27
CA SER E 132 -2.12 5.03 -4.08
C SER E 132 -0.77 5.69 -3.96
N LEU E 133 0.21 4.95 -3.44
CA LEU E 133 1.62 5.27 -3.68
C LEU E 133 2.07 4.71 -5.05
N SER F 3 -10.38 -12.13 -0.03
CA SER F 3 -10.69 -12.30 -1.48
C SER F 3 -9.51 -12.03 -2.41
N GLY F 4 -9.65 -12.48 -3.64
CA GLY F 4 -8.64 -12.29 -4.67
C GLY F 4 -8.61 -10.93 -5.34
N ILE F 5 -9.38 -9.95 -4.85
CA ILE F 5 -9.39 -8.60 -5.41
C ILE F 5 -8.50 -7.66 -4.62
N SER F 6 -7.54 -7.07 -5.28
CA SER F 6 -6.66 -6.04 -4.70
C SER F 6 -7.49 -4.86 -4.19
N GLN F 7 -7.08 -4.26 -3.09
CA GLN F 7 -7.81 -3.06 -2.64
C GLN F 7 -6.94 -1.80 -2.60
N THR F 8 -7.59 -0.65 -2.54
CA THR F 8 -6.88 0.63 -2.69
C THR F 8 -7.60 1.58 -1.74
N VAL F 9 -6.89 2.59 -1.26
CA VAL F 9 -7.51 3.64 -0.46
C VAL F 9 -8.52 4.39 -1.37
N ILE F 10 -9.70 4.72 -0.84
CA ILE F 10 -10.66 5.52 -1.62
C ILE F 10 -11.16 6.63 -0.70
N VAL F 11 -11.08 7.86 -1.19
CA VAL F 11 -11.57 9.02 -0.40
C VAL F 11 -12.75 9.65 -1.10
N GLY F 12 -13.65 10.23 -0.31
CA GLY F 12 -14.91 10.73 -0.85
C GLY F 12 -16.07 9.94 -0.26
N PRO F 13 -17.30 10.16 -0.75
CA PRO F 13 -17.57 11.05 -1.88
C PRO F 13 -17.78 12.52 -1.48
N TRP F 14 -17.61 13.40 -2.46
CA TRP F 14 -18.01 14.78 -2.34
C TRP F 14 -19.17 14.99 -3.28
N GLY F 15 -20.17 15.71 -2.78
CA GLY F 15 -21.34 16.09 -3.59
C GLY F 15 -22.60 15.62 -2.91
N ALA F 16 -23.58 15.22 -3.71
CA ALA F 16 -24.86 14.70 -3.22
C ALA F 16 -24.75 13.46 -2.37
N LYS F 17 -25.77 13.29 -1.51
CA LYS F 17 -26.02 12.08 -0.74
C LYS F 17 -24.90 11.80 0.26
N GLY G 1 3.33 28.91 14.09
CA GLY G 1 3.12 27.70 14.93
C GLY G 1 4.32 26.79 14.92
N LYS G 2 4.37 25.85 15.86
CA LYS G 2 5.39 24.81 15.87
C LYS G 2 4.89 23.59 15.08
N ALA G 3 5.68 23.22 14.07
CA ALA G 3 5.42 22.02 13.27
C ALA G 3 5.47 20.75 14.13
N PHE G 4 4.57 19.81 13.85
CA PHE G 4 4.66 18.47 14.44
C PHE G 4 4.39 17.42 13.36
N ASP G 5 4.86 16.21 13.58
CA ASP G 5 4.64 15.15 12.60
C ASP G 5 4.76 13.87 13.39
N ASP G 6 3.63 13.26 13.69
CA ASP G 6 3.65 12.00 14.45
C ASP G 6 4.18 10.83 13.65
N GLY G 7 4.10 10.91 12.32
CA GLY G 7 4.34 9.77 11.44
C GLY G 7 3.16 8.83 11.37
N ALA G 8 3.40 7.64 10.84
CA ALA G 8 2.33 6.67 10.60
C ALA G 8 2.43 5.50 11.55
N PHE G 9 1.25 5.01 11.92
CA PHE G 9 1.05 3.89 12.88
C PHE G 9 0.08 2.85 12.32
N THR G 10 -0.47 2.00 13.19
CA THR G 10 -1.37 0.93 12.78
C THR G 10 -2.84 1.33 12.80
N GLY G 11 -3.14 2.40 13.50
CA GLY G 11 -4.51 2.83 13.72
C GLY G 11 -4.57 3.89 14.80
N ILE G 12 -5.80 4.20 15.23
CA ILE G 12 -6.05 5.27 16.19
C ILE G 12 -6.87 4.70 17.35
N ARG G 13 -6.39 4.93 18.56
CA ARG G 13 -7.12 4.56 19.76
C ARG G 13 -7.88 5.73 20.41
N GLU G 14 -7.26 6.90 20.48
CA GLU G 14 -7.88 8.02 21.21
C GLU G 14 -7.37 9.33 20.62
N ILE G 15 -8.25 10.33 20.51
CA ILE G 15 -7.81 11.68 20.19
C ILE G 15 -8.09 12.60 21.34
N ASN G 16 -7.06 13.32 21.78
CA ASN G 16 -7.18 14.32 22.81
C ASN G 16 -6.98 15.70 22.22
N LEU G 17 -8.02 16.53 22.26
CA LEU G 17 -7.86 17.89 21.73
C LEU G 17 -8.42 18.92 22.71
N SER G 18 -8.20 20.18 22.41
CA SER G 18 -8.90 21.21 23.18
C SER G 18 -9.35 22.29 22.22
N TYR G 19 -10.35 23.05 22.65
CA TYR G 19 -10.96 24.04 21.78
C TYR G 19 -11.61 25.15 22.61
N ASN G 20 -11.87 26.26 21.92
CA ASN G 20 -12.60 27.38 22.47
C ASN G 20 -13.52 27.89 21.36
N LYS G 21 -14.82 27.86 21.61
CA LYS G 21 -15.82 28.37 20.65
C LYS G 21 -15.56 29.79 20.15
N GLU G 22 -15.03 30.64 21.04
CA GLU G 22 -14.64 31.99 20.64
C GLU G 22 -13.46 32.05 19.67
N THR G 23 -12.63 31.00 19.62
CA THR G 23 -11.46 31.06 18.76
C THR G 23 -11.35 29.80 17.84
N ALA G 24 -10.61 28.81 18.30
CA ALA G 24 -10.24 27.69 17.42
C ALA G 24 -9.82 26.48 18.23
N ILE G 25 -9.39 25.43 17.52
CA ILE G 25 -8.78 24.25 18.17
C ILE G 25 -7.45 24.67 18.78
N GLY G 26 -7.16 24.20 19.99
CA GLY G 26 -5.88 24.46 20.64
C GLY G 26 -4.99 23.21 20.59
N ASP G 27 -5.04 22.40 21.62
CA ASP G 27 -4.06 21.30 21.77
C ASP G 27 -4.50 20.11 20.91
N PHE G 28 -3.56 19.22 20.59
CA PHE G 28 -3.88 18.03 19.82
C PHE G 28 -2.92 16.91 20.21
N GLN G 29 -3.46 15.76 20.59
CA GLN G 29 -2.61 14.64 21.01
C GLN G 29 -3.30 13.37 20.60
N VAL G 30 -2.55 12.38 20.11
CA VAL G 30 -3.23 11.17 19.68
C VAL G 30 -2.57 9.97 20.32
N VAL G 31 -3.39 9.05 20.82
CA VAL G 31 -2.91 7.74 21.22
C VAL G 31 -3.15 6.84 19.99
N TYR G 32 -2.08 6.42 19.35
CA TYR G 32 -2.18 5.54 18.19
C TYR G 32 -2.26 4.08 18.61
N ASP G 33 -2.67 3.22 17.71
CA ASP G 33 -2.30 1.81 17.85
C ASP G 33 -0.98 1.57 17.15
N LEU G 34 -0.09 0.82 17.80
CA LEU G 34 1.12 0.35 17.15
C LEU G 34 1.17 -1.16 17.31
N ASN G 35 0.85 -1.86 16.24
CA ASN G 35 0.85 -3.32 16.25
C ASN G 35 0.07 -3.97 17.39
N GLY G 36 -1.06 -3.36 17.74
CA GLY G 36 -1.94 -3.92 18.79
C GLY G 36 -1.71 -3.36 20.17
N SER G 37 -0.69 -2.53 20.33
CA SER G 37 -0.42 -1.81 21.58
C SER G 37 -0.61 -0.30 21.48
N PRO G 38 -1.05 0.35 22.59
CA PRO G 38 -1.22 1.80 22.55
C PRO G 38 0.11 2.51 22.42
N TYR G 39 0.18 3.49 21.50
CA TYR G 39 1.36 4.34 21.37
C TYR G 39 0.95 5.77 21.72
N VAL G 40 1.50 6.30 22.79
CA VAL G 40 1.11 7.62 23.28
C VAL G 40 1.90 8.70 22.54
N GLY G 41 1.21 9.41 21.63
CA GLY G 41 1.89 10.41 20.84
C GLY G 41 2.21 11.61 21.72
N GLN G 42 3.13 12.44 21.27
CA GLN G 42 3.50 13.65 21.98
C GLN G 42 2.29 14.58 22.02
N ASN G 43 2.13 15.28 23.14
CA ASN G 43 1.09 16.27 23.26
C ASN G 43 1.55 17.56 22.59
N HIS G 44 0.81 17.95 21.56
CA HIS G 44 1.18 19.12 20.79
C HIS G 44 0.35 20.23 21.36
N LYS G 45 0.99 21.09 22.16
CA LYS G 45 0.24 22.07 22.96
C LYS G 45 0.11 23.42 22.29
N SER G 46 -1.03 24.08 22.51
CA SER G 46 -1.13 25.51 22.19
C SER G 46 -0.13 26.31 23.03
N PHE G 47 0.35 27.43 22.48
CA PHE G 47 1.16 28.40 23.23
C PHE G 47 0.36 29.07 24.37
N ILE G 48 -0.97 29.06 24.29
CA ILE G 48 -1.84 29.70 25.30
C ILE G 48 -2.75 28.68 25.99
N THR G 49 -3.42 29.10 27.06
CA THR G 49 -4.37 28.23 27.75
C THR G 49 -5.77 28.81 27.64
N GLY G 50 -6.74 28.20 28.34
CA GLY G 50 -8.16 28.64 28.32
C GLY G 50 -9.08 27.77 27.48
N PHE G 51 -8.55 26.64 27.01
CA PHE G 51 -9.30 25.72 26.17
C PHE G 51 -10.08 24.69 26.98
N THR G 52 -11.19 24.22 26.42
CA THR G 52 -11.98 23.09 26.93
C THR G 52 -11.37 21.79 26.38
N PRO G 53 -11.09 20.81 27.26
CA PRO G 53 -10.50 19.58 26.72
C PRO G 53 -11.55 18.59 26.23
N VAL G 54 -11.17 17.77 25.24
CA VAL G 54 -12.02 16.74 24.68
C VAL G 54 -11.17 15.47 24.58
N LYS G 55 -11.70 14.34 25.03
CA LYS G 55 -11.02 13.06 24.83
C LYS G 55 -11.96 12.17 24.06
N ILE G 56 -11.53 11.72 22.88
CA ILE G 56 -12.34 10.85 22.03
C ILE G 56 -11.71 9.47 22.16
N SER G 57 -12.35 8.58 22.92
CA SER G 57 -11.76 7.26 23.21
C SER G 57 -12.50 6.27 22.33
N LEU G 58 -11.84 5.77 21.29
CA LEU G 58 -12.51 4.87 20.36
C LEU G 58 -12.47 3.43 20.83
N ASP G 59 -13.52 2.68 20.51
CA ASP G 59 -13.56 1.23 20.72
C ASP G 59 -12.68 0.49 19.68
N PHE G 60 -11.37 0.67 19.77
CA PHE G 60 -10.41 0.08 18.84
C PHE G 60 -10.36 -1.44 19.05
N PRO G 61 -10.28 -2.22 17.96
CA PRO G 61 -10.31 -1.87 16.54
C PRO G 61 -11.67 -1.94 15.86
N SER G 62 -12.74 -2.19 16.63
CA SER G 62 -14.08 -2.28 16.05
C SER G 62 -14.56 -0.94 15.49
N GLU G 63 -14.14 0.14 16.15
CA GLU G 63 -14.55 1.50 15.82
C GLU G 63 -13.39 2.28 15.19
N TYR G 64 -13.66 2.92 14.07
CA TYR G 64 -12.59 3.67 13.37
C TYR G 64 -13.26 4.84 12.66
N ILE G 65 -12.46 5.88 12.47
CA ILE G 65 -12.90 7.09 11.81
C ILE G 65 -13.19 6.86 10.32
N MET G 66 -14.36 7.33 9.89
CA MET G 66 -14.78 7.25 8.49
C MET G 66 -14.84 8.64 7.86
N GLU G 67 -14.85 9.70 8.66
CA GLU G 67 -14.81 11.06 8.06
C GLU G 67 -14.21 12.06 9.02
N VAL G 68 -13.28 12.89 8.54
CA VAL G 68 -12.82 14.04 9.36
C VAL G 68 -13.36 15.29 8.63
N SER G 69 -14.00 16.18 9.36
CA SER G 69 -14.41 17.44 8.74
C SER G 69 -14.14 18.60 9.68
N GLY G 70 -14.25 19.82 9.16
CA GLY G 70 -14.13 20.98 9.98
C GLY G 70 -14.21 22.26 9.20
N TYR G 71 -13.73 23.32 9.84
CA TYR G 71 -13.74 24.64 9.21
C TYR G 71 -12.42 25.33 9.45
N THR G 72 -11.92 26.05 8.45
CA THR G 72 -10.79 26.92 8.67
C THR G 72 -11.31 28.35 8.62
N GLY G 73 -10.63 29.24 9.34
CA GLY G 73 -11.11 30.61 9.43
C GLY G 73 -10.09 31.52 10.07
N ASN G 74 -10.37 32.82 10.04
CA ASN G 74 -9.46 33.82 10.59
C ASN G 74 -9.77 34.04 12.05
N VAL G 75 -8.76 33.86 12.91
CA VAL G 75 -8.87 34.25 14.31
C VAL G 75 -7.72 35.21 14.57
N SER G 76 -8.06 36.46 14.91
CA SER G 76 -7.05 37.48 15.22
C SER G 76 -6.05 37.62 14.07
N GLY G 77 -6.56 37.55 12.84
CA GLY G 77 -5.75 37.72 11.63
C GLY G 77 -4.95 36.49 11.21
N TYR G 78 -5.24 35.34 11.81
CA TYR G 78 -4.52 34.11 11.45
C TYR G 78 -5.50 33.12 10.91
N VAL G 79 -5.12 32.45 9.81
CA VAL G 79 -5.95 31.35 9.30
C VAL G 79 -5.61 30.12 10.14
N VAL G 80 -6.65 29.54 10.74
CA VAL G 80 -6.50 28.38 11.62
C VAL G 80 -7.68 27.42 11.48
N VAL G 81 -7.54 26.23 12.08
CA VAL G 81 -8.64 25.29 12.11
C VAL G 81 -9.53 25.65 13.28
N ARG G 82 -10.74 26.13 12.98
CA ARG G 82 -11.65 26.60 14.02
C ARG G 82 -12.48 25.49 14.60
N SER G 83 -12.69 24.43 13.81
CA SER G 83 -13.62 23.39 14.18
C SER G 83 -13.17 22.04 13.60
N LEU G 84 -13.44 20.98 14.34
CA LEU G 84 -13.24 19.59 13.88
C LEU G 84 -14.38 18.68 14.29
N THR G 85 -14.73 17.75 13.41
CA THR G 85 -15.70 16.71 13.70
C THR G 85 -15.10 15.37 13.26
N PHE G 86 -15.24 14.36 14.11
CA PHE G 86 -14.77 12.99 13.77
C PHE G 86 -15.95 12.06 13.74
N LYS G 87 -16.24 11.57 12.56
CA LYS G 87 -17.29 10.60 12.40
C LYS G 87 -16.73 9.20 12.29
N THR G 88 -17.20 8.29 13.14
CA THR G 88 -16.78 6.87 13.02
C THR G 88 -17.90 6.00 12.47
N ASN G 89 -17.63 4.71 12.38
CA ASN G 89 -18.64 3.75 11.97
C ASN G 89 -19.67 3.50 13.07
N LYS G 90 -19.44 4.10 14.23
CA LYS G 90 -20.32 3.94 15.39
C LYS G 90 -21.09 5.21 15.77
N LYS G 91 -20.43 6.36 15.73
CA LYS G 91 -21.04 7.62 16.16
C LYS G 91 -20.22 8.81 15.67
N THR G 92 -20.70 10.01 15.98
CA THR G 92 -20.11 11.27 15.56
C THR G 92 -19.63 12.03 16.79
N TYR G 93 -18.38 12.48 16.74
CA TYR G 93 -17.77 13.24 17.81
C TYR G 93 -17.53 14.64 17.27
N GLY G 94 -18.25 15.60 17.86
CA GLY G 94 -18.10 17.00 17.49
C GLY G 94 -19.43 17.49 16.93
N PRO G 95 -19.44 18.67 16.29
CA PRO G 95 -18.31 19.59 16.11
C PRO G 95 -17.74 20.12 17.40
N TYR G 96 -16.43 20.26 17.42
CA TYR G 96 -15.72 20.96 18.47
C TYR G 96 -15.19 22.27 17.85
N GLY G 97 -15.74 23.40 18.29
CA GLY G 97 -15.42 24.72 17.72
C GLY G 97 -16.45 25.18 16.69
N VAL G 98 -16.58 26.49 16.51
CA VAL G 98 -17.65 27.02 15.66
C VAL G 98 -17.53 26.60 14.22
N THR G 99 -18.66 26.25 13.62
CA THR G 99 -18.69 25.81 12.23
C THR G 99 -18.89 26.97 11.25
N SER G 100 -17.97 27.93 11.34
CA SER G 100 -17.98 29.10 10.49
C SER G 100 -16.63 29.24 9.84
N GLY G 101 -16.65 29.62 8.57
CA GLY G 101 -15.42 29.80 7.79
C GLY G 101 -15.48 28.93 6.55
N THR G 102 -14.32 28.45 6.10
CA THR G 102 -14.24 27.63 4.90
C THR G 102 -14.29 26.16 5.35
N PRO G 103 -15.35 25.43 4.95
CA PRO G 103 -15.45 24.03 5.34
C PRO G 103 -14.44 23.17 4.59
N PHE G 104 -14.06 22.07 5.20
CA PHE G 104 -13.35 21.00 4.51
C PHE G 104 -13.88 19.68 5.07
N ASN G 105 -13.72 18.62 4.28
CA ASN G 105 -14.07 17.30 4.76
C ASN G 105 -13.33 16.21 4.00
N LEU G 106 -12.99 15.16 4.74
CA LEU G 106 -12.27 14.03 4.14
C LEU G 106 -13.07 12.81 4.57
N PRO G 107 -14.07 12.42 3.76
CA PRO G 107 -14.70 11.13 3.95
C PRO G 107 -13.83 10.01 3.41
N ILE G 108 -13.88 8.86 4.05
CA ILE G 108 -13.06 7.72 3.61
C ILE G 108 -14.00 6.57 3.30
N GLU G 109 -13.94 6.10 2.07
CA GLU G 109 -14.76 4.97 1.64
C GLU G 109 -14.04 3.69 1.94
N ASN G 110 -12.71 3.69 1.77
CA ASN G 110 -11.90 2.52 2.08
C ASN G 110 -10.52 2.95 2.55
N GLY G 111 -10.07 2.40 3.66
CA GLY G 111 -8.81 2.84 4.23
C GLY G 111 -8.94 3.43 5.59
N LEU G 112 -7.80 3.78 6.18
CA LEU G 112 -7.73 4.23 7.58
C LEU G 112 -6.80 5.41 7.75
N ILE G 113 -7.17 6.32 8.65
CA ILE G 113 -6.23 7.34 9.08
C ILE G 113 -5.27 6.69 10.07
N VAL G 114 -3.97 6.85 9.82
CA VAL G 114 -2.92 6.22 10.67
C VAL G 114 -1.91 7.17 11.26
N GLY G 115 -2.14 8.47 11.08
CA GLY G 115 -1.14 9.43 11.57
C GLY G 115 -1.57 10.84 11.26
N PHE G 116 -1.04 11.78 12.05
CA PHE G 116 -1.33 13.20 11.85
C PHE G 116 -0.02 13.97 11.87
N LYS G 117 -0.02 15.07 11.12
CA LYS G 117 1.05 16.05 11.19
C LYS G 117 0.41 17.43 11.05
N GLY G 118 1.14 18.49 11.41
CA GLY G 118 0.50 19.78 11.34
C GLY G 118 1.36 20.83 11.99
N SER G 119 0.70 21.87 12.47
CA SER G 119 1.41 22.97 13.12
C SER G 119 0.42 23.60 14.08
N ILE G 120 0.89 23.90 15.30
CA ILE G 120 0.11 24.55 16.34
C ILE G 120 0.90 25.73 16.93
N GLY G 121 0.26 26.89 16.90
CA GLY G 121 0.75 28.13 17.54
C GLY G 121 -0.13 28.40 18.73
N TYR G 122 -0.80 29.54 18.72
CA TYR G 122 -1.92 29.75 19.62
C TYR G 122 -3.01 28.72 19.31
N TRP G 123 -3.20 28.45 18.01
CA TRP G 123 -4.22 27.49 17.57
C TRP G 123 -3.64 26.54 16.57
N LEU G 124 -4.39 25.48 16.30
CA LEU G 124 -4.02 24.56 15.22
C LEU G 124 -4.01 25.30 13.88
N ASP G 125 -2.83 25.50 13.29
CA ASP G 125 -2.67 26.27 12.05
C ASP G 125 -3.15 25.50 10.84
N TYR G 126 -2.67 24.25 10.75
CA TYR G 126 -3.02 23.36 9.66
C TYR G 126 -2.71 21.93 10.08
N PHE G 127 -3.29 20.97 9.38
CA PHE G 127 -2.91 19.58 9.62
C PHE G 127 -3.08 18.73 8.36
N SER G 128 -2.41 17.58 8.35
CA SER G 128 -2.51 16.57 7.27
C SER G 128 -2.69 15.21 7.95
N MET G 129 -3.09 14.21 7.17
CA MET G 129 -3.34 12.88 7.71
C MET G 129 -2.69 11.83 6.85
N TYR G 130 -2.05 10.87 7.52
CA TYR G 130 -1.52 9.70 6.85
C TYR G 130 -2.65 8.71 6.67
N LEU G 131 -2.73 8.09 5.50
CA LEU G 131 -3.79 7.12 5.25
C LEU G 131 -3.13 5.81 4.78
N SER G 132 -3.72 4.70 5.18
CA SER G 132 -3.22 3.41 4.77
C SER G 132 -4.38 2.44 4.61
N LEU G 133 -4.14 1.33 3.93
CA LEU G 133 -5.02 0.17 4.01
C LEU G 133 -4.80 -0.63 5.33
N SER H 3 15.31 4.62 -0.71
CA SER H 3 15.93 4.53 0.64
C SER H 3 15.16 3.58 1.58
N GLY H 4 15.67 3.47 2.80
CA GLY H 4 15.20 2.48 3.76
C GLY H 4 13.99 2.87 4.59
N ILE H 5 13.37 4.01 4.28
CA ILE H 5 12.21 4.44 5.05
C ILE H 5 10.92 4.18 4.27
N SER H 6 10.01 3.47 4.93
CA SER H 6 8.68 3.13 4.39
C SER H 6 7.88 4.42 4.14
N GLN H 7 6.96 4.35 3.18
CA GLN H 7 6.15 5.49 2.71
C GLN H 7 4.66 5.22 2.87
N THR H 8 3.90 6.30 3.01
CA THR H 8 2.48 6.24 3.25
C THR H 8 1.79 7.36 2.47
N VAL H 9 0.54 7.15 2.04
CA VAL H 9 -0.24 8.24 1.47
C VAL H 9 -0.45 9.34 2.53
N ILE H 10 -0.32 10.61 2.14
CA ILE H 10 -0.63 11.71 3.06
C ILE H 10 -1.57 12.69 2.34
N VAL H 11 -2.70 13.01 2.95
CA VAL H 11 -3.61 14.02 2.38
C VAL H 11 -3.62 15.25 3.28
N GLY H 12 -3.84 16.43 2.69
CA GLY H 12 -3.65 17.65 3.44
C GLY H 12 -2.60 18.48 2.75
N PRO H 13 -2.25 19.65 3.33
CA PRO H 13 -2.79 20.16 4.57
C PRO H 13 -4.13 20.90 4.40
N TRP H 14 -4.93 20.96 5.46
CA TRP H 14 -6.08 21.87 5.54
C TRP H 14 -5.77 22.88 6.60
N GLY H 15 -6.09 24.15 6.36
CA GLY H 15 -5.76 25.20 7.34
C GLY H 15 -4.99 26.32 6.67
N ALA H 16 -4.00 26.88 7.37
CA ALA H 16 -3.13 27.95 6.88
C ALA H 16 -2.05 27.49 5.92
N LYS H 17 -1.50 28.46 5.17
CA LYS H 17 -0.32 28.27 4.33
C LYS H 17 -0.62 27.48 3.05
#